data_8AAN
#
_entry.id   8AAN
#
_cell.length_a   109.313
_cell.length_b   81.047
_cell.length_c   75.833
_cell.angle_alpha   90.000
_cell.angle_beta   123.520
_cell.angle_gamma   90.000
#
_symmetry.space_group_name_H-M   'C 1 2 1'
#
loop_
_entity.id
_entity.type
_entity.pdbx_description
1 polymer "DNA (5'-D(*CP*CP*TP*GP*TP*GP*AP*CP*AP*AP*AP*TP*TP*GP*CP*CP*CP*TP*CP*AP*GP*T)-3')"
2 polymer "DNA (5'-D(*CP*TP*GP*AP*GP*GP*GP*CP*AP*AP*TP*TP*TP*GP*TP*CP*AP*CP*AP*GP*GP*T)-3')"
3 polymer 'Replication initiation protein'
4 polymer "DNA (5'-D(*AP*TP*TP*TP*TP*TP*AP*T)-3')"
5 non-polymer 'MAGNESIUM ION'
6 water water
#
loop_
_entity_poly.entity_id
_entity_poly.type
_entity_poly.pdbx_seq_one_letter_code
_entity_poly.pdbx_strand_id
1 'polydeoxyribonucleotide'
;(DC)(DC)(DT)(DG)(DT)(DG)(DA)(DC)(DA)(DA)(DA)(DT)(DT)(DG)(DC)(DC)(DC)(DT)(DC)(DA)
(DG)(DT)
;
B
2 'polydeoxyribonucleotide'
;(DC)(DT)(DG)(DA)(DG)(DG)(DG)(DC)(DA)(DA)(DT)(DT)(DT)(DG)(DT)(DC)(DA)(DC)(DA)(DG)
(DG)(DT)
;
C
3 'polypeptide(L)'
;MAETAVINHKKRKNSPRIVQSNDLTEAAYSLSRDQKRMLYLFVDQIRKSDGTLQEHDGICEIHVAKYAEIFGLTSAEASK
DIRQALKSFAGKEVVFYRPEEDAGDEKGYESFPWFIKPAHSPSRGLYSVHINPYLIPFFIGLQNRFTQFRLSETKEITNP
YAMRLYESLCQYRKPDGSGIVSLKIDWIIERYQLPQSYQRMPDFRRRFLQVCVNEINSRTPMRLSYIEKKKGRQTTHIVF
SFRDITSMTTG
;
A
4 'polydeoxyribonucleotide' (DA)(DT)(DT)(DT)(DT)(DT)(DA)(DT) D
#
# COMPACT_ATOMS: atom_id res chain seq x y z
N THR C 4 -21.40 9.18 11.11
CA THR C 4 -20.82 8.68 9.86
C THR C 4 -19.32 8.43 10.00
N ALA C 5 -18.88 7.22 9.64
CA ALA C 5 -17.46 6.89 9.73
C ALA C 5 -16.67 7.57 8.60
N VAL C 6 -15.43 7.96 8.91
CA VAL C 6 -14.65 8.73 7.95
C VAL C 6 -14.39 7.96 6.65
N ILE C 7 -14.47 6.64 6.66
CA ILE C 7 -14.38 5.92 5.40
C ILE C 7 -15.50 6.33 4.46
N ASN C 8 -16.61 6.84 5.02
CA ASN C 8 -17.78 7.22 4.23
C ASN C 8 -17.99 8.73 4.19
N HIS C 9 -17.03 9.52 4.69
CA HIS C 9 -17.13 10.97 4.61
C HIS C 9 -17.28 11.44 3.16
N LYS C 10 -18.04 12.53 3.00
CA LYS C 10 -18.56 12.91 1.68
C LYS C 10 -17.44 13.18 0.67
N LYS C 11 -16.35 13.83 1.10
CA LYS C 11 -15.23 14.10 0.19
C LYS C 11 -14.52 12.83 -0.28
N ARG C 12 -14.54 11.78 0.54
CA ARG C 12 -13.85 10.54 0.22
C ARG C 12 -14.71 9.54 -0.51
N LYS C 13 -16.01 9.52 -0.20
CA LYS C 13 -16.83 8.34 -0.48
C LYS C 13 -16.76 7.91 -1.94
N ASN C 14 -16.52 8.84 -2.86
CA ASN C 14 -16.57 8.56 -4.30
CA ASN C 14 -16.59 8.52 -4.29
C ASN C 14 -15.31 7.86 -4.82
N SER C 15 -14.19 7.98 -4.11
CA SER C 15 -12.99 7.25 -4.47
C SER C 15 -13.19 5.75 -4.26
N PRO C 16 -12.48 4.90 -5.01
CA PRO C 16 -12.61 3.45 -4.78
C PRO C 16 -12.17 3.03 -3.38
N ARG C 17 -12.87 2.04 -2.83
CA ARG C 17 -12.54 1.48 -1.53
C ARG C 17 -11.59 0.30 -1.73
N ILE C 18 -10.34 0.45 -1.28
CA ILE C 18 -9.37 -0.64 -1.33
C ILE C 18 -9.49 -1.43 -0.04
N VAL C 19 -9.58 -2.75 -0.16
CA VAL C 19 -9.78 -3.63 0.99
C VAL C 19 -8.91 -4.88 0.82
N GLN C 20 -8.34 -5.37 1.92
CA GLN C 20 -7.40 -6.48 1.87
C GLN C 20 -7.23 -7.10 3.26
N SER C 21 -6.94 -8.39 3.27
CA SER C 21 -6.69 -9.08 4.54
C SER C 21 -5.46 -8.51 5.23
N ASN C 22 -5.53 -8.44 6.56
CA ASN C 22 -4.38 -8.03 7.37
C ASN C 22 -3.16 -8.93 7.17
N ASP C 23 -3.34 -10.16 6.68
CA ASP C 23 -2.19 -10.98 6.34
C ASP C 23 -1.39 -10.36 5.21
N LEU C 24 -2.07 -9.67 4.28
CA LEU C 24 -1.34 -9.03 3.20
C LEU C 24 -0.70 -7.72 3.65
N THR C 25 -1.41 -6.96 4.49
CA THR C 25 -0.83 -5.74 5.06
C THR C 25 0.45 -6.03 5.82
N GLU C 26 0.56 -7.19 6.44
CA GLU C 26 1.71 -7.61 7.24
C GLU C 26 2.72 -8.45 6.46
N ALA C 27 2.45 -8.78 5.20
CA ALA C 27 3.32 -9.70 4.49
C ALA C 27 4.66 -9.05 4.14
N ALA C 28 5.62 -9.89 3.79
CA ALA C 28 6.93 -9.43 3.34
C ALA C 28 6.95 -9.42 1.82
N TYR C 29 7.18 -8.24 1.24
CA TYR C 29 7.19 -8.08 -0.20
C TYR C 29 7.84 -6.74 -0.50
N SER C 30 8.23 -6.56 -1.75
CA SER C 30 8.90 -5.32 -2.14
C SER C 30 8.39 -4.87 -3.50
N LEU C 31 7.53 -3.84 -3.51
CA LEU C 31 6.97 -3.28 -4.74
C LEU C 31 7.27 -1.77 -4.79
N SER C 32 7.41 -1.25 -6.02
CA SER C 32 7.58 0.18 -6.26
C SER C 32 6.25 0.93 -6.10
N ARG C 33 6.34 2.27 -5.96
CA ARG C 33 5.14 3.10 -5.99
C ARG C 33 4.24 2.72 -7.18
N ASP C 34 4.81 2.69 -8.38
CA ASP C 34 4.04 2.36 -9.58
C ASP C 34 3.41 0.97 -9.49
N GLN C 35 4.14 -0.02 -8.98
CA GLN C 35 3.56 -1.36 -8.85
C GLN C 35 2.42 -1.38 -7.83
N LYS C 36 2.58 -0.63 -6.73
CA LYS C 36 1.50 -0.59 -5.74
C LYS C 36 0.28 0.15 -6.28
N ARG C 37 0.49 1.15 -7.14
CA ARG C 37 -0.63 1.88 -7.73
C ARG C 37 -1.47 0.96 -8.60
N MET C 38 -0.82 0.13 -9.42
CA MET C 38 -1.56 -0.82 -10.26
C MET C 38 -2.23 -1.88 -9.42
N LEU C 39 -1.56 -2.38 -8.39
CA LEU C 39 -2.18 -3.37 -7.53
C LEU C 39 -3.46 -2.83 -6.89
N TYR C 40 -3.51 -1.53 -6.54
CA TYR C 40 -4.76 -0.95 -6.06
C TYR C 40 -5.86 -1.11 -7.11
N LEU C 41 -5.54 -0.81 -8.37
CA LEU C 41 -6.55 -0.96 -9.42
C LEU C 41 -6.98 -2.40 -9.59
N PHE C 42 -6.06 -3.36 -9.43
CA PHE C 42 -6.43 -4.77 -9.63
C PHE C 42 -7.40 -5.22 -8.55
N VAL C 43 -7.10 -4.90 -7.29
CA VAL C 43 -7.97 -5.27 -6.17
C VAL C 43 -9.36 -4.68 -6.34
N ASP C 44 -9.46 -3.41 -6.75
CA ASP C 44 -10.75 -2.78 -6.99
C ASP C 44 -11.55 -3.55 -8.04
N GLN C 45 -10.94 -3.79 -9.19
CA GLN C 45 -11.56 -4.57 -10.27
C GLN C 45 -12.03 -5.94 -9.77
N ILE C 46 -11.16 -6.68 -9.08
CA ILE C 46 -11.51 -8.03 -8.63
C ILE C 46 -12.74 -7.98 -7.73
N ARG C 47 -12.81 -6.97 -6.85
CA ARG C 47 -13.92 -6.89 -5.91
C ARG C 47 -15.19 -6.38 -6.56
N LYS C 48 -15.08 -5.69 -7.71
CA LYS C 48 -16.27 -5.18 -8.38
C LYS C 48 -17.13 -6.30 -8.94
N SER C 49 -16.59 -7.50 -9.10
CA SER C 49 -17.39 -8.65 -9.49
C SER C 49 -17.27 -9.75 -8.44
N HIS C 56 -13.69 -15.23 -9.35
CA HIS C 56 -12.82 -14.44 -10.20
C HIS C 56 -11.56 -15.25 -10.48
N ASP C 57 -11.17 -15.34 -11.76
CA ASP C 57 -10.02 -16.15 -12.15
C ASP C 57 -8.69 -15.41 -12.05
N GLY C 58 -8.71 -14.11 -11.77
CA GLY C 58 -7.49 -13.36 -11.55
C GLY C 58 -6.97 -12.61 -12.76
N ILE C 59 -7.62 -12.74 -13.91
CA ILE C 59 -7.20 -12.00 -15.10
C ILE C 59 -7.82 -10.61 -15.04
N CYS C 60 -6.97 -9.58 -15.00
CA CYS C 60 -7.34 -8.18 -14.83
C CYS C 60 -6.84 -7.36 -16.01
N GLU C 61 -7.31 -6.11 -16.08
CA GLU C 61 -7.03 -5.16 -17.16
C GLU C 61 -6.63 -3.79 -16.62
N ILE C 62 -5.85 -3.04 -17.42
CA ILE C 62 -5.50 -1.64 -17.12
C ILE C 62 -5.54 -0.85 -18.41
N HIS C 63 -6.26 0.27 -18.41
CA HIS C 63 -6.27 1.22 -19.50
C HIS C 63 -5.31 2.37 -19.21
N VAL C 64 -4.41 2.63 -20.15
CA VAL C 64 -3.51 3.79 -20.02
C VAL C 64 -4.29 5.07 -19.73
N ALA C 65 -5.43 5.27 -20.40
CA ALA C 65 -6.13 6.54 -20.30
C ALA C 65 -6.73 6.74 -18.91
N LYS C 66 -7.34 5.69 -18.35
CA LYS C 66 -7.88 5.82 -17.00
C LYS C 66 -6.76 5.95 -15.97
N TYR C 67 -5.63 5.27 -16.19
CA TYR C 67 -4.51 5.42 -15.25
C TYR C 67 -4.01 6.86 -15.25
N ALA C 68 -3.84 7.45 -16.43
CA ALA C 68 -3.41 8.85 -16.50
C ALA C 68 -4.37 9.77 -15.77
N GLU C 69 -5.68 9.57 -15.99
CA GLU C 69 -6.67 10.43 -15.34
C GLU C 69 -6.63 10.30 -13.82
N ILE C 70 -6.59 9.07 -13.31
CA ILE C 70 -6.67 8.84 -11.88
C ILE C 70 -5.47 9.44 -11.14
N PHE C 71 -4.27 9.28 -11.69
CA PHE C 71 -3.05 9.72 -11.00
C PHE C 71 -2.52 11.05 -11.50
N GLY C 72 -3.24 11.74 -12.38
CA GLY C 72 -2.83 13.07 -12.80
C GLY C 72 -1.58 13.12 -13.64
N LEU C 73 -1.46 12.21 -14.61
CA LEU C 73 -0.28 12.10 -15.46
C LEU C 73 -0.66 12.34 -16.91
N THR C 74 0.36 12.62 -17.73
CA THR C 74 0.14 12.60 -19.18
C THR C 74 -0.04 11.15 -19.64
N SER C 75 -0.68 11.00 -20.81
CA SER C 75 -0.80 9.69 -21.44
C SER C 75 0.57 9.03 -21.61
N ALA C 76 1.56 9.80 -22.09
CA ALA C 76 2.87 9.24 -22.38
C ALA C 76 3.57 8.74 -21.12
N GLU C 77 3.50 9.49 -20.01
CA GLU C 77 4.17 9.02 -18.81
C GLU C 77 3.40 7.86 -18.19
N ALA C 78 2.06 7.90 -18.25
CA ALA C 78 1.27 6.75 -17.79
C ALA C 78 1.71 5.48 -18.51
N SER C 79 1.89 5.56 -19.83
CA SER C 79 2.36 4.41 -20.60
C SER C 79 3.73 3.96 -20.12
N LYS C 80 4.63 4.91 -19.85
CA LYS C 80 5.96 4.55 -19.37
C LYS C 80 5.88 3.85 -18.01
N ASP C 81 5.16 4.44 -17.07
CA ASP C 81 5.02 3.83 -15.74
C ASP C 81 4.51 2.39 -15.83
N ILE C 82 3.41 2.19 -16.59
CA ILE C 82 2.79 0.87 -16.67
C ILE C 82 3.74 -0.14 -17.32
N ARG C 83 4.34 0.24 -18.45
CA ARG C 83 5.20 -0.71 -19.16
C ARG C 83 6.38 -1.16 -18.29
N GLN C 84 7.04 -0.23 -17.60
CA GLN C 84 8.22 -0.62 -16.83
C GLN C 84 7.86 -1.35 -15.53
N ALA C 85 6.82 -0.90 -14.81
CA ALA C 85 6.40 -1.62 -13.61
C ALA C 85 5.93 -3.04 -13.93
N LEU C 86 5.23 -3.22 -15.06
CA LEU C 86 4.75 -4.55 -15.46
C LEU C 86 5.92 -5.51 -15.67
N LYS C 87 6.94 -5.05 -16.37
CA LYS C 87 8.09 -5.92 -16.65
C LYS C 87 8.82 -6.30 -15.37
N SER C 88 8.92 -5.36 -14.42
CA SER C 88 9.60 -5.58 -13.15
C SER C 88 8.83 -6.45 -12.19
N PHE C 89 7.59 -6.81 -12.51
CA PHE C 89 6.84 -7.75 -11.68
C PHE C 89 7.35 -9.18 -11.81
N ALA C 90 8.10 -9.48 -12.87
CA ALA C 90 8.56 -10.84 -13.09
C ALA C 90 9.49 -11.28 -11.96
N GLY C 91 9.23 -12.46 -11.39
CA GLY C 91 10.06 -12.97 -10.31
C GLY C 91 9.77 -12.41 -8.94
N LYS C 92 8.86 -11.46 -8.81
CA LYS C 92 8.54 -10.94 -7.49
C LYS C 92 7.61 -11.90 -6.74
N GLU C 93 7.89 -12.10 -5.45
CA GLU C 93 7.08 -12.98 -4.62
CA GLU C 93 7.15 -13.00 -4.58
C GLU C 93 6.62 -12.24 -3.36
N VAL C 94 5.53 -12.75 -2.77
CA VAL C 94 5.00 -12.23 -1.50
C VAL C 94 4.98 -13.37 -0.49
N VAL C 95 5.50 -13.11 0.71
CA VAL C 95 5.71 -14.13 1.75
C VAL C 95 4.82 -13.81 2.93
N PHE C 96 3.92 -14.74 3.27
CA PHE C 96 3.00 -14.63 4.40
C PHE C 96 3.54 -15.39 5.60
N TYR C 97 3.11 -14.99 6.78
CA TYR C 97 3.66 -15.55 8.02
C TYR C 97 2.58 -16.17 8.89
N TYR C 109 7.56 -18.00 5.46
CA TYR C 109 6.98 -19.31 5.71
C TYR C 109 5.94 -19.74 4.65
N GLU C 110 5.56 -18.87 3.70
CA GLU C 110 4.63 -19.26 2.63
C GLU C 110 4.73 -18.25 1.48
N SER C 111 5.44 -18.64 0.41
CA SER C 111 5.77 -17.72 -0.68
C SER C 111 4.97 -18.06 -1.93
N PHE C 112 4.44 -17.02 -2.59
CA PHE C 112 3.62 -17.07 -3.79
C PHE C 112 4.13 -16.05 -4.80
N PRO C 113 4.22 -16.40 -6.08
CA PRO C 113 4.48 -15.37 -7.10
C PRO C 113 3.25 -14.50 -7.32
N TRP C 114 3.47 -13.20 -7.57
CA TRP C 114 2.38 -12.26 -7.85
C TRP C 114 1.69 -12.58 -9.19
N PHE C 115 2.48 -12.71 -10.27
CA PHE C 115 1.99 -13.01 -11.62
C PHE C 115 2.37 -14.44 -12.01
N ILE C 116 1.44 -15.16 -12.67
CA ILE C 116 1.75 -16.51 -13.13
C ILE C 116 1.99 -16.57 -14.63
N LYS C 117 1.98 -15.42 -15.31
CA LYS C 117 2.13 -15.30 -16.75
C LYS C 117 2.56 -13.87 -17.02
N PRO C 118 3.41 -13.62 -18.03
CA PRO C 118 3.81 -12.24 -18.30
C PRO C 118 2.62 -11.42 -18.79
N ALA C 119 2.70 -10.12 -18.56
CA ALA C 119 1.70 -9.18 -19.06
C ALA C 119 1.81 -9.06 -20.57
N HIS C 120 0.71 -8.66 -21.22
CA HIS C 120 0.75 -8.36 -22.66
C HIS C 120 -0.32 -7.32 -22.99
N SER C 121 -0.15 -6.69 -24.15
CA SER C 121 -1.07 -5.65 -24.61
C SER C 121 -1.92 -6.16 -25.76
N PRO C 122 -3.21 -6.47 -25.52
CA PRO C 122 -4.08 -6.94 -26.63
C PRO C 122 -4.30 -5.92 -27.72
N SER C 123 -4.29 -4.64 -27.37
CA SER C 123 -4.58 -3.56 -28.30
C SER C 123 -4.04 -2.27 -27.70
N ARG C 124 -3.96 -1.24 -28.54
CA ARG C 124 -3.30 0.00 -28.15
CA ARG C 124 -3.32 0.01 -28.15
C ARG C 124 -3.95 0.60 -26.89
N GLY C 125 -3.10 0.96 -25.92
CA GLY C 125 -3.55 1.56 -24.69
C GLY C 125 -4.15 0.61 -23.68
N LEU C 126 -4.06 -0.70 -23.91
CA LEU C 126 -4.67 -1.68 -23.00
C LEU C 126 -3.67 -2.77 -22.63
N TYR C 127 -3.67 -3.17 -21.35
CA TYR C 127 -2.78 -4.19 -20.82
C TYR C 127 -3.57 -5.22 -20.01
N SER C 128 -3.12 -6.48 -20.08
CA SER C 128 -3.80 -7.62 -19.48
C SER C 128 -2.81 -8.40 -18.62
N VAL C 129 -3.16 -8.64 -17.36
CA VAL C 129 -2.31 -9.35 -16.42
C VAL C 129 -3.07 -10.56 -15.86
N HIS C 130 -2.32 -11.56 -15.40
CA HIS C 130 -2.92 -12.67 -14.69
C HIS C 130 -2.37 -12.74 -13.26
N ILE C 131 -3.15 -12.23 -12.31
CA ILE C 131 -2.82 -12.35 -10.89
C ILE C 131 -2.98 -13.79 -10.44
N ASN C 132 -2.03 -14.26 -9.64
CA ASN C 132 -2.04 -15.62 -9.10
C ASN C 132 -3.41 -15.92 -8.46
N PRO C 133 -4.12 -16.95 -8.90
CA PRO C 133 -5.44 -17.25 -8.32
C PRO C 133 -5.38 -17.56 -6.84
N TYR C 134 -4.28 -18.11 -6.33
CA TYR C 134 -4.20 -18.38 -4.89
C TYR C 134 -4.16 -17.10 -4.05
N LEU C 135 -4.02 -15.93 -4.67
CA LEU C 135 -4.01 -14.70 -3.89
C LEU C 135 -5.40 -14.07 -3.76
N ILE C 136 -6.38 -14.53 -4.54
CA ILE C 136 -7.71 -13.92 -4.55
C ILE C 136 -8.42 -14.02 -3.20
N PRO C 137 -8.25 -15.09 -2.41
CA PRO C 137 -8.87 -15.09 -1.07
C PRO C 137 -8.35 -14.01 -0.13
N PHE C 138 -7.25 -13.34 -0.47
CA PHE C 138 -6.77 -12.23 0.35
C PHE C 138 -7.47 -10.91 0.01
N PHE C 139 -8.28 -10.86 -1.05
CA PHE C 139 -8.96 -9.63 -1.44
C PHE C 139 -10.48 -9.69 -1.50
N ILE C 140 -11.11 -10.87 -1.32
CA ILE C 140 -12.56 -10.98 -1.32
C ILE C 140 -13.00 -11.91 -0.20
N GLY C 141 -14.29 -11.85 0.12
CA GLY C 141 -14.87 -12.67 1.16
C GLY C 141 -14.35 -12.36 2.56
N LEU C 142 -13.94 -11.13 2.81
CA LEU C 142 -13.42 -10.76 4.12
C LEU C 142 -14.60 -10.39 5.03
N GLN C 143 -14.63 -10.99 6.21
CA GLN C 143 -15.63 -10.66 7.23
C GLN C 143 -15.04 -10.02 8.47
N ASN C 144 -13.72 -10.04 8.63
CA ASN C 144 -13.03 -9.41 9.75
C ASN C 144 -11.53 -9.52 9.49
N ARG C 145 -10.74 -8.88 10.34
CA ARG C 145 -9.28 -8.88 10.23
C ARG C 145 -8.84 -8.39 8.84
N PHE C 146 -9.42 -7.27 8.39
CA PHE C 146 -9.08 -6.68 7.11
C PHE C 146 -8.70 -5.21 7.26
N THR C 147 -8.02 -4.68 6.25
CA THR C 147 -7.60 -3.28 6.18
C THR C 147 -8.34 -2.56 5.07
N GLN C 148 -8.79 -1.31 5.33
CA GLN C 148 -9.53 -0.54 4.33
C GLN C 148 -9.07 0.92 4.27
N PHE C 149 -9.16 1.50 3.06
CA PHE C 149 -8.79 2.90 2.80
C PHE C 149 -9.21 3.28 1.37
N ARG C 150 -9.57 4.56 1.19
CA ARG C 150 -9.94 5.08 -0.12
C ARG C 150 -8.70 5.36 -0.96
N LEU C 151 -8.79 5.06 -2.26
CA LEU C 151 -7.63 5.24 -3.14
C LEU C 151 -7.12 6.69 -3.10
N SER C 152 -8.04 7.65 -2.92
CA SER C 152 -7.66 9.05 -2.84
C SER C 152 -6.73 9.34 -1.68
N GLU C 153 -6.70 8.46 -0.66
CA GLU C 153 -5.82 8.69 0.49
C GLU C 153 -4.36 8.44 0.13
N THR C 154 -4.10 7.52 -0.79
CA THR C 154 -2.74 7.07 -1.05
C THR C 154 -2.16 7.52 -2.38
N LYS C 155 -2.96 8.11 -3.27
CA LYS C 155 -2.47 8.34 -4.62
C LYS C 155 -1.52 9.53 -4.74
N GLU C 156 -1.33 10.33 -3.69
CA GLU C 156 -0.31 11.38 -3.69
C GLU C 156 0.96 10.98 -2.94
N ILE C 157 1.00 9.80 -2.32
CA ILE C 157 2.22 9.34 -1.65
C ILE C 157 3.24 8.93 -2.69
N THR C 158 4.51 9.30 -2.48
CA THR C 158 5.58 9.00 -3.44
C THR C 158 6.47 7.84 -3.03
N ASN C 159 6.96 7.83 -1.77
CA ASN C 159 7.90 6.79 -1.32
C ASN C 159 7.15 5.48 -1.04
N PRO C 160 7.56 4.36 -1.64
CA PRO C 160 6.81 3.11 -1.45
C PRO C 160 6.79 2.61 -0.02
N TYR C 161 7.83 2.89 0.78
CA TYR C 161 7.77 2.49 2.20
C TYR C 161 6.79 3.37 2.98
N ALA C 162 6.58 4.62 2.55
CA ALA C 162 5.53 5.42 3.19
C ALA C 162 4.16 4.86 2.87
N MET C 163 4.02 4.18 1.72
CA MET C 163 2.78 3.49 1.42
C MET C 163 2.58 2.29 2.36
N ARG C 164 3.64 1.50 2.58
CA ARG C 164 3.54 0.37 3.51
C ARG C 164 3.13 0.84 4.90
N LEU C 165 3.78 1.90 5.42
CA LEU C 165 3.45 2.36 6.77
C LEU C 165 2.01 2.83 6.86
N TYR C 166 1.54 3.61 5.87
CA TYR C 166 0.18 4.11 5.90
C TYR C 166 -0.83 2.96 5.97
N GLU C 167 -0.63 1.91 5.18
CA GLU C 167 -1.54 0.77 5.26
C GLU C 167 -1.52 0.10 6.64
N SER C 168 -0.35 0.02 7.28
CA SER C 168 -0.32 -0.60 8.60
C SER C 168 -1.06 0.26 9.63
N LEU C 169 -0.90 1.57 9.55
CA LEU C 169 -1.64 2.45 10.45
C LEU C 169 -3.14 2.30 10.21
N CYS C 170 -3.56 2.26 8.94
CA CYS C 170 -4.97 2.09 8.59
C CYS C 170 -5.54 0.82 9.19
N GLN C 171 -4.70 -0.20 9.41
CA GLN C 171 -5.14 -1.50 9.90
C GLN C 171 -5.68 -1.42 11.34
N TYR C 172 -5.26 -0.43 12.12
CA TYR C 172 -5.75 -0.25 13.47
C TYR C 172 -6.64 1.00 13.60
N ARG C 173 -7.19 1.47 12.49
CA ARG C 173 -7.92 2.73 12.47
C ARG C 173 -9.36 2.52 12.92
N LYS C 174 -9.80 3.31 13.90
CA LYS C 174 -11.19 3.28 14.36
C LYS C 174 -12.11 3.97 13.35
N PRO C 175 -13.41 3.68 13.39
CA PRO C 175 -14.34 4.36 12.48
C PRO C 175 -14.23 5.89 12.51
N ASP C 176 -13.86 6.46 13.67
CA ASP C 176 -13.77 7.91 13.76
C ASP C 176 -12.49 8.47 13.15
N GLY C 177 -11.59 7.61 12.68
CA GLY C 177 -10.39 8.05 12.00
C GLY C 177 -9.12 8.04 12.83
N SER C 178 -9.19 7.71 14.12
CA SER C 178 -8.02 7.73 14.99
C SER C 178 -7.56 6.31 15.31
N GLY C 179 -6.39 6.21 15.95
CA GLY C 179 -5.87 4.93 16.42
C GLY C 179 -4.50 5.10 17.02
N ILE C 180 -3.98 3.98 17.56
CA ILE C 180 -2.62 3.89 18.07
C ILE C 180 -2.04 2.53 17.69
N VAL C 181 -0.74 2.49 17.42
CA VAL C 181 -0.07 1.33 16.83
C VAL C 181 1.34 1.26 17.36
N SER C 182 1.70 0.16 18.01
CA SER C 182 3.09 -0.15 18.31
C SER C 182 3.65 -1.10 17.26
N LEU C 183 4.84 -0.80 16.73
CA LEU C 183 5.49 -1.64 15.73
C LEU C 183 6.93 -1.89 16.15
N LYS C 184 7.29 -3.17 16.29
CA LYS C 184 8.68 -3.55 16.55
C LYS C 184 9.55 -3.23 15.35
N ILE C 185 10.78 -2.79 15.61
CA ILE C 185 11.60 -2.27 14.52
C ILE C 185 12.19 -3.41 13.69
N ASP C 186 12.57 -4.53 14.33
CA ASP C 186 13.03 -5.71 13.58
CA ASP C 186 13.05 -5.67 13.54
C ASP C 186 11.94 -6.20 12.63
N TRP C 187 10.69 -6.17 13.10
CA TRP C 187 9.55 -6.56 12.27
C TRP C 187 9.39 -5.62 11.07
N ILE C 188 9.47 -4.30 11.29
CA ILE C 188 9.39 -3.34 10.18
C ILE C 188 10.45 -3.63 9.12
N ILE C 189 11.66 -3.97 9.57
CA ILE C 189 12.75 -4.21 8.63
C ILE C 189 12.51 -5.47 7.82
N GLU C 190 12.01 -6.53 8.47
CA GLU C 190 11.73 -7.79 7.79
C GLU C 190 10.56 -7.67 6.81
N ARG C 191 9.41 -7.14 7.25
CA ARG C 191 8.21 -7.19 6.40
C ARG C 191 8.22 -6.11 5.31
N TYR C 192 8.69 -4.90 5.62
CA TYR C 192 8.86 -3.89 4.58
C TYR C 192 10.12 -4.10 3.76
N GLN C 193 10.99 -5.04 4.18
CA GLN C 193 12.23 -5.36 3.45
C GLN C 193 13.08 -4.11 3.21
N LEU C 194 13.28 -3.34 4.28
CA LEU C 194 14.10 -2.12 4.17
C LEU C 194 15.53 -2.50 3.76
N PRO C 195 16.25 -1.59 3.13
CA PRO C 195 17.63 -1.91 2.71
C PRO C 195 18.58 -2.04 3.89
N GLN C 196 19.76 -2.59 3.59
CA GLN C 196 20.70 -3.01 4.63
C GLN C 196 21.04 -1.87 5.59
N SER C 197 21.40 -0.71 5.06
CA SER C 197 21.92 0.35 5.91
C SER C 197 20.91 0.83 6.96
N TYR C 198 19.63 0.53 6.78
CA TYR C 198 18.67 1.01 7.77
C TYR C 198 18.64 0.14 9.02
N GLN C 199 19.52 -0.87 9.10
CA GLN C 199 19.81 -1.54 10.38
C GLN C 199 20.56 -0.63 11.34
N ARG C 200 21.31 0.35 10.83
CA ARG C 200 21.94 1.37 11.65
C ARG C 200 20.88 2.40 12.03
N MET C 201 20.54 2.48 13.31
CA MET C 201 19.36 3.23 13.71
C MET C 201 19.36 4.72 13.31
N PRO C 202 20.49 5.46 13.28
CA PRO C 202 20.40 6.85 12.80
C PRO C 202 20.00 6.95 11.34
N ASP C 203 20.34 5.96 10.52
CA ASP C 203 19.90 6.01 9.13
C ASP C 203 18.43 5.64 9.02
N PHE C 204 17.99 4.65 9.81
CA PHE C 204 16.57 4.34 9.92
C PHE C 204 15.76 5.58 10.29
N ARG C 205 16.29 6.42 11.19
CA ARG C 205 15.61 7.66 11.57
C ARG C 205 15.53 8.65 10.40
N ARG C 206 16.67 8.95 9.79
CA ARG C 206 16.73 10.06 8.85
C ARG C 206 16.12 9.73 7.49
N ARG C 207 16.30 8.49 7.01
CA ARG C 207 15.89 8.16 5.64
C ARG C 207 14.60 7.36 5.56
N PHE C 208 14.15 6.71 6.62
CA PHE C 208 12.85 6.04 6.58
C PHE C 208 11.84 6.74 7.47
N LEU C 209 12.10 6.82 8.77
CA LEU C 209 11.08 7.21 9.74
C LEU C 209 10.60 8.65 9.52
N GLN C 210 11.53 9.61 9.54
CA GLN C 210 11.14 11.00 9.40
C GLN C 210 10.53 11.26 8.02
N VAL C 211 11.13 10.68 6.99
CA VAL C 211 10.66 10.85 5.62
C VAL C 211 9.23 10.37 5.46
N CYS C 212 8.90 9.21 6.05
CA CYS C 212 7.59 8.62 5.85
C CYS C 212 6.51 9.31 6.67
N VAL C 213 6.87 9.75 7.88
CA VAL C 213 5.93 10.53 8.71
C VAL C 213 5.61 11.88 8.04
N ASN C 214 6.63 12.56 7.54
CA ASN C 214 6.38 13.80 6.80
C ASN C 214 5.48 13.58 5.59
N GLU C 215 5.69 12.49 4.84
CA GLU C 215 4.83 12.24 3.67
C GLU C 215 3.38 12.04 4.09
N ILE C 216 3.16 11.27 5.16
CA ILE C 216 1.79 10.99 5.58
C ILE C 216 1.11 12.27 6.06
N ASN C 217 1.84 13.12 6.80
CA ASN C 217 1.23 14.33 7.35
C ASN C 217 0.90 15.34 6.25
N SER C 218 1.60 15.29 5.10
CA SER C 218 1.44 16.30 4.06
C SER C 218 0.68 15.83 2.82
N ARG C 219 0.39 14.54 2.68
CA ARG C 219 -0.26 14.03 1.47
CA ARG C 219 -0.24 14.02 1.48
C ARG C 219 -1.50 13.20 1.74
N THR C 220 -1.86 12.97 3.00
CA THR C 220 -3.05 12.19 3.37
C THR C 220 -3.90 12.98 4.35
N PRO C 221 -5.11 12.51 4.63
CA PRO C 221 -5.92 13.14 5.69
C PRO C 221 -5.53 12.74 7.10
N MET C 222 -4.47 11.95 7.29
CA MET C 222 -4.09 11.47 8.61
C MET C 222 -3.07 12.43 9.21
N ARG C 223 -3.16 12.65 10.52
CA ARG C 223 -2.22 13.51 11.25
C ARG C 223 -1.53 12.68 12.32
N LEU C 224 -0.21 12.57 12.23
CA LEU C 224 0.51 11.48 12.86
C LEU C 224 1.71 11.99 13.67
N SER C 225 1.81 11.54 14.93
CA SER C 225 3.00 11.70 15.76
C SER C 225 3.47 10.32 16.25
N TYR C 226 4.65 10.29 16.90
CA TYR C 226 5.21 9.04 17.40
C TYR C 226 6.19 9.28 18.54
N ILE C 227 6.48 8.21 19.28
CA ILE C 227 7.50 8.16 20.33
C ILE C 227 8.32 6.89 20.18
N GLU C 228 9.63 6.98 20.45
CA GLU C 228 10.51 5.81 20.44
C GLU C 228 10.49 5.10 21.80
N LYS C 229 10.53 3.78 21.76
CA LYS C 229 10.65 2.96 22.97
C LYS C 229 12.03 2.29 22.98
N LYS C 230 12.68 2.33 24.14
CA LYS C 230 14.03 1.81 24.32
C LYS C 230 14.03 0.66 25.33
N LYS C 231 14.98 -0.25 25.13
CA LYS C 231 15.32 -1.28 26.11
C LYS C 231 16.82 -1.18 26.27
N GLY C 232 17.27 -0.65 27.40
CA GLY C 232 18.69 -0.38 27.54
C GLY C 232 19.14 0.68 26.55
N ARG C 233 20.27 0.42 25.89
CA ARG C 233 20.82 1.35 24.90
C ARG C 233 20.13 1.26 23.54
N GLN C 234 19.38 0.20 23.26
CA GLN C 234 18.73 -0.03 21.98
C GLN C 234 17.34 0.59 21.96
N THR C 235 16.98 1.18 20.82
CA THR C 235 15.59 1.51 20.51
C THR C 235 14.94 0.29 19.85
N THR C 236 13.82 -0.19 20.40
CA THR C 236 13.21 -1.43 19.92
C THR C 236 11.84 -1.28 19.26
N HIS C 237 11.11 -0.19 19.51
CA HIS C 237 9.76 -0.03 18.97
C HIS C 237 9.52 1.43 18.66
N ILE C 238 8.60 1.68 17.72
CA ILE C 238 7.98 2.99 17.52
C ILE C 238 6.50 2.86 17.90
N VAL C 239 5.98 3.84 18.64
CA VAL C 239 4.58 3.89 19.02
C VAL C 239 3.93 5.06 18.27
N PHE C 240 2.92 4.76 17.45
CA PHE C 240 2.30 5.74 16.57
C PHE C 240 0.91 6.13 17.08
N SER C 241 0.61 7.44 17.08
CA SER C 241 -0.74 7.95 17.37
C SER C 241 -1.21 8.86 16.25
N PHE C 242 -2.52 8.84 15.95
CA PHE C 242 -3.00 9.64 14.82
C PHE C 242 -4.50 9.96 14.95
N ARG C 243 -4.89 11.05 14.28
CA ARG C 243 -6.30 11.48 14.17
CA ARG C 243 -6.29 11.49 14.18
C ARG C 243 -6.56 11.90 12.73
N ASP C 244 -7.84 12.02 12.37
CA ASP C 244 -8.25 12.39 11.02
C ASP C 244 -8.52 13.89 10.91
N ILE C 245 -8.18 14.45 9.74
CA ILE C 245 -8.35 15.89 9.53
C ILE C 245 -9.81 16.30 9.64
N THR C 246 -10.74 15.47 9.17
CA THR C 246 -12.16 15.86 9.28
C THR C 246 -12.67 15.90 10.71
N SER C 247 -11.89 15.45 11.69
CA SER C 247 -12.27 15.56 13.10
C SER C 247 -11.69 16.79 13.78
N MET C 248 -10.78 17.50 13.11
CA MET C 248 -10.08 18.64 13.71
C MET C 248 -10.71 19.96 13.31
#